data_6FJ3
#
_entry.id   6FJ3
#
_cell.length_a   44.115
_cell.length_b   52.864
_cell.length_c   111.874
_cell.angle_alpha   80.63
_cell.angle_beta   83.76
_cell.angle_gamma   79.16
#
_symmetry.space_group_name_H-M   'P 1'
#
loop_
_entity.id
_entity.type
_entity.pdbx_description
1 polymer 'Parathyroid hormone/parathyroid hormone-related peptide receptor,Parathyroid hormone/parathyroid hormone-related peptide receptor,GlgA glycogen synthase,Parathyroid hormone/parathyroid hormone-related peptide receptor'
2 polymer 'Parathyroid hormone'
3 branched alpha-D-mannopyranose-(1-3)-[alpha-D-mannopyranose-(1-6)]beta-D-mannopyranose-(1-4)-2-acetamido-2-deoxy-beta-D-glucopyranose-(1-4)-[alpha-L-fucopyranose-(1-6)]2-acetamido-2-deoxy-beta-D-glucopyranose
4 branched beta-D-mannopyranose-(1-4)-2-acetamido-2-deoxy-beta-D-glucopyranose-(1-4)-[alpha-L-fucopyranose-(1-6)]2-acetamido-2-deoxy-beta-D-glucopyranose
5 branched alpha-D-mannopyranose-(1-6)-beta-D-mannopyranose-(1-4)-2-acetamido-2-deoxy-beta-D-glucopyranose-(1-4)-2-acetamido-2-deoxy-beta-D-glucopyranose
6 non-polymer alpha-D-mannopyranose
7 non-polymer 'OLEIC ACID'
8 non-polymer 'ACETIC ACID'
9 non-polymer 'TETRAETHYLENE GLYCOL'
10 non-polymer 'CHLORIDE ION'
11 water water
#
loop_
_entity_poly.entity_id
_entity_poly.type
_entity_poly.pdbx_seq_one_letter_code
_entity_poly.pdbx_strand_id
1 'polypeptide(L)'
;GPALVDADDVMTKEEQIFLLHRAQAQCEKRLKEVLQRPAGRPCLPEWDHILCWPLGAPGEVVAVPCPDYIYDFNHKGHAY
RRCDRNGSWELVPGHNRTWANYSECVKFLTNETREREVFDRLGMICTVGYSVSLASLTVAVLILAYFRRLHCTRNYIHMH
LFLSFMLRAVSIFVMDAVLYSGATLDEAERLTEEELRAIAQAPPPPATAAAGYAGCRVAVTFFLYFLATNYYWIAVEGLY
LHSLIFKAFFSEKKYLWGFTVFGWGLPAIFVAVWVSVRATLANTGCWDLSSGNNKWIIQVPILASIVLNFILFINIVRVL
ATKGID(YCM)SFWNESYLTGSRDERKKSLLSKFGMDEGVTFMFIGRFDRGQKGVDVLLKAIEILSSKKEFQEMRFIIIG
KGDPELEGWARSLEEKHGNVKVITEMLSREFVRELYGSVDFVIIPSYFEPFGLVALEAMCLGAIPIASAVGGLRDIITNE
TGILVKAGDPGELANAILKALELSRSDLSKFRENCKKRAMSFSDTRQQYRKLAKSTLVLMPLFGVHYIVFMLTPYTEVSG
TLWQVRMHYEMLFNSFQGFFVAIAYCFCNGEVQAEIKKSWSRWTLA
;
A
2 'polypeptide(L)' (AC5)V(AIB)EIQLMHQ(HRG)AKWLNS(NLE)ERVEWLRKKLQDVHNY(NH2) B
#
# COMPACT_ATOMS: atom_id res chain seq x y z
N VAL A 10 6.82 -27.10 21.28
CA VAL A 10 7.60 -26.74 22.46
C VAL A 10 8.35 -27.96 22.98
N MET A 11 7.69 -29.11 22.93
CA MET A 11 8.28 -30.37 23.38
C MET A 11 9.03 -30.99 22.21
N THR A 12 10.36 -31.09 22.34
CA THR A 12 11.19 -31.67 21.31
C THR A 12 11.34 -33.18 21.50
N LYS A 13 11.81 -33.84 20.45
CA LYS A 13 12.10 -35.27 20.54
C LYS A 13 13.23 -35.53 21.52
N GLU A 14 14.22 -34.64 21.56
CA GLU A 14 15.32 -34.79 22.51
C GLU A 14 14.82 -34.69 23.95
N GLU A 15 13.85 -33.80 24.21
CA GLU A 15 13.33 -33.66 25.56
C GLU A 15 12.60 -34.92 26.01
N GLN A 16 11.84 -35.55 25.11
CA GLN A 16 11.17 -36.80 25.45
C GLN A 16 12.16 -37.92 25.71
N ILE A 17 13.29 -37.92 24.99
CA ILE A 17 14.31 -38.94 25.22
C ILE A 17 14.91 -38.80 26.61
N PHE A 18 15.17 -37.57 27.04
CA PHE A 18 15.72 -37.34 28.38
C PHE A 18 14.72 -37.75 29.45
N LEU A 19 13.44 -37.41 29.27
CA LEU A 19 12.43 -37.80 30.24
C LEU A 19 12.24 -39.31 30.29
N LEU A 20 12.38 -39.99 29.15
CA LEU A 20 12.23 -41.44 29.14
C LEU A 20 13.43 -42.13 29.78
N HIS A 21 14.63 -41.56 29.65
CA HIS A 21 15.80 -42.12 30.32
C HIS A 21 15.66 -42.01 31.84
N ARG A 22 15.10 -40.90 32.32
CA ARG A 22 14.91 -40.75 33.76
C ARG A 22 13.89 -41.76 34.29
N ALA A 23 12.83 -42.01 33.52
CA ALA A 23 11.84 -42.99 33.94
C ALA A 23 12.43 -44.39 33.98
N GLN A 24 13.34 -44.70 33.04
CA GLN A 24 13.96 -46.01 33.03
C GLN A 24 14.88 -46.20 34.24
N ALA A 25 15.60 -45.15 34.63
CA ALA A 25 16.47 -45.25 35.79
C ALA A 25 15.67 -45.42 37.08
N GLN A 26 14.52 -44.75 37.17
CA GLN A 26 13.67 -44.93 38.35
C GLN A 26 13.12 -46.35 38.43
N CYS A 27 12.87 -46.97 37.29
CA CYS A 27 12.34 -48.34 37.29
C CYS A 27 13.41 -49.34 37.72
N GLU A 28 14.66 -49.11 37.32
CA GLU A 28 15.75 -50.01 37.72
C GLU A 28 15.97 -49.97 39.22
N LYS A 29 15.89 -48.78 39.83
CA LYS A 29 16.03 -48.68 41.27
C LYS A 29 14.87 -49.35 41.99
N ARG A 30 13.66 -49.21 41.46
CA ARG A 30 12.49 -49.81 42.09
C ARG A 30 12.57 -51.34 42.07
N LEU A 31 13.05 -51.91 40.97
CA LEU A 31 13.14 -53.36 40.88
C LEU A 31 14.19 -53.91 41.85
N LYS A 32 15.29 -53.17 42.05
CA LYS A 32 16.31 -53.61 42.99
C LYS A 32 15.83 -53.56 44.43
N GLU A 33 14.98 -52.59 44.76
CA GLU A 33 14.41 -52.54 46.10
C GLU A 33 13.44 -53.69 46.35
N VAL A 34 12.84 -54.23 45.30
CA VAL A 34 11.89 -55.32 45.45
C VAL A 34 12.62 -56.66 45.55
N LEU A 35 13.68 -56.84 44.76
CA LEU A 35 14.39 -58.12 44.76
C LEU A 35 15.13 -58.37 46.09
N GLN A 36 15.49 -57.31 46.81
CA GLN A 36 16.19 -57.49 48.07
C GLN A 36 15.28 -58.00 49.17
N ARG A 37 13.96 -57.87 49.01
CA ARG A 37 12.98 -58.33 49.99
C ARG A 37 11.86 -59.09 49.27
N PRO A 38 12.14 -60.29 48.77
CA PRO A 38 11.10 -61.05 48.07
C PRO A 38 10.12 -61.69 49.05
N ALA A 39 8.85 -61.72 48.65
CA ALA A 39 7.80 -62.30 49.47
C ALA A 39 6.65 -62.73 48.58
N GLY A 40 6.16 -63.96 48.77
CA GLY A 40 5.06 -64.47 47.99
C GLY A 40 5.47 -64.78 46.55
N ARG A 41 4.45 -64.91 45.70
CA ARG A 41 4.62 -65.17 44.28
C ARG A 41 3.96 -64.06 43.46
N PRO A 42 4.49 -62.84 43.50
CA PRO A 42 3.88 -61.76 42.71
C PRO A 42 4.57 -61.57 41.37
N CYS A 43 3.88 -60.92 40.44
CA CYS A 43 4.53 -60.51 39.20
C CYS A 43 5.51 -59.38 39.50
N LEU A 44 6.75 -59.55 39.04
CA LEU A 44 7.79 -58.60 39.39
C LEU A 44 7.73 -57.37 38.50
N PRO A 45 8.21 -56.22 39.00
CA PRO A 45 8.28 -55.03 38.15
C PRO A 45 9.28 -55.22 37.02
N GLU A 46 9.01 -54.56 35.89
CA GLU A 46 9.91 -54.63 34.75
C GLU A 46 9.66 -53.44 33.85
N TRP A 47 10.66 -53.13 33.02
CA TRP A 47 10.66 -52.00 32.12
C TRP A 47 10.42 -52.50 30.70
N ASP A 48 9.35 -52.01 30.06
CA ASP A 48 8.95 -52.47 28.74
C ASP A 48 9.24 -51.42 27.65
N HIS A 49 10.22 -50.55 27.90
CA HIS A 49 10.74 -49.48 27.05
C HIS A 49 9.92 -48.19 27.15
N ILE A 50 8.75 -48.18 27.79
CA ILE A 50 7.97 -46.95 27.88
C ILE A 50 7.60 -46.63 29.32
N LEU A 51 7.06 -47.60 30.06
CA LEU A 51 6.68 -47.34 31.44
C LEU A 51 7.09 -48.52 32.33
N CYS A 52 6.99 -48.29 33.64
CA CYS A 52 7.40 -49.25 34.66
C CYS A 52 6.17 -49.89 35.28
N TRP A 53 6.13 -51.21 35.26
CA TRP A 53 4.96 -51.87 35.81
C TRP A 53 5.19 -52.25 37.27
N PRO A 54 4.13 -52.22 38.08
CA PRO A 54 4.31 -52.47 39.52
C PRO A 54 4.30 -53.95 39.86
N LEU A 55 4.28 -54.27 41.15
CA LEU A 55 4.05 -55.64 41.57
C LEU A 55 2.64 -56.07 41.17
N GLY A 56 2.51 -57.30 40.69
CA GLY A 56 1.24 -57.81 40.26
C GLY A 56 0.74 -58.97 41.10
N ALA A 57 -0.48 -58.86 41.60
CA ALA A 57 -1.07 -59.95 42.36
C ALA A 57 -1.52 -61.06 41.41
N PRO A 58 -1.33 -62.32 41.80
CA PRO A 58 -1.69 -63.43 40.90
C PRO A 58 -3.18 -63.41 40.54
N GLY A 59 -3.45 -63.48 39.23
CA GLY A 59 -4.81 -63.52 38.74
C GLY A 59 -5.52 -62.19 38.66
N GLU A 60 -4.82 -61.09 38.85
CA GLU A 60 -5.43 -59.76 38.87
C GLU A 60 -4.96 -58.94 37.68
N VAL A 61 -5.82 -58.02 37.25
CA VAL A 61 -5.50 -57.08 36.20
C VAL A 61 -4.80 -55.87 36.82
N VAL A 62 -3.73 -55.40 36.17
CA VAL A 62 -2.94 -54.28 36.65
C VAL A 62 -3.10 -53.12 35.68
N ALA A 63 -3.52 -51.97 36.19
CA ALA A 63 -3.74 -50.78 35.38
C ALA A 63 -2.77 -49.68 35.81
N VAL A 64 -2.05 -49.11 34.85
CA VAL A 64 -1.11 -48.03 35.09
C VAL A 64 -1.58 -46.83 34.28
N PRO A 65 -1.74 -45.65 34.90
CA PRO A 65 -2.13 -44.47 34.12
C PRO A 65 -1.07 -44.13 33.08
N CYS A 66 -1.54 -43.64 31.94
CA CYS A 66 -0.63 -43.35 30.83
C CYS A 66 0.44 -42.36 31.27
N PRO A 67 1.72 -42.64 31.04
CA PRO A 67 2.78 -41.87 31.69
C PRO A 67 2.79 -40.40 31.28
N ASP A 68 3.11 -39.53 32.25
CA ASP A 68 3.16 -38.10 31.98
C ASP A 68 4.31 -37.75 31.04
N TYR A 69 5.46 -38.39 31.21
CA TYR A 69 6.64 -38.06 30.42
C TYR A 69 6.49 -38.39 28.94
N ILE A 70 5.39 -39.02 28.53
CA ILE A 70 5.07 -39.22 27.12
C ILE A 70 4.07 -38.14 26.75
N TYR A 71 4.52 -37.17 25.95
CA TYR A 71 3.72 -35.97 25.71
C TYR A 71 2.48 -36.27 24.87
N ASP A 72 2.57 -37.20 23.93
CA ASP A 72 1.49 -37.45 22.98
C ASP A 72 0.46 -38.47 23.47
N PHE A 73 0.59 -38.95 24.70
CA PHE A 73 -0.35 -39.94 25.22
C PHE A 73 -1.61 -39.26 25.76
N ASN A 74 -2.71 -40.01 25.76
CA ASN A 74 -3.93 -39.60 26.42
C ASN A 74 -3.74 -39.80 27.92
N HIS A 75 -3.50 -38.71 28.65
CA HIS A 75 -3.14 -38.80 30.06
C HIS A 75 -4.34 -38.98 30.97
N LYS A 76 -5.52 -39.28 30.42
CA LYS A 76 -6.67 -39.64 31.22
C LYS A 76 -6.98 -41.13 31.17
N GLY A 77 -6.22 -41.90 30.39
CA GLY A 77 -6.42 -43.32 30.26
C GLY A 77 -5.39 -44.14 31.03
N HIS A 78 -5.51 -45.46 30.89
CA HIS A 78 -4.63 -46.38 31.59
C HIS A 78 -4.15 -47.47 30.63
N ALA A 79 -2.92 -47.92 30.84
CA ALA A 79 -2.40 -49.12 30.23
C ALA A 79 -2.67 -50.32 31.14
N TYR A 80 -2.77 -51.50 30.55
CA TYR A 80 -3.22 -52.68 31.27
C TYR A 80 -2.27 -53.85 31.09
N ARG A 81 -2.22 -54.69 32.12
CA ARG A 81 -1.52 -55.97 32.07
C ARG A 81 -2.29 -56.97 32.93
N ARG A 82 -1.93 -58.24 32.79
CA ARG A 82 -2.50 -59.30 33.62
C ARG A 82 -1.38 -60.15 34.19
N CYS A 83 -1.61 -60.62 35.42
CA CYS A 83 -0.64 -61.44 36.14
C CYS A 83 -1.19 -62.85 36.27
N ASP A 84 -0.35 -63.84 35.95
CA ASP A 84 -0.78 -65.23 35.99
C ASP A 84 -1.10 -65.67 37.42
N ARG A 85 -1.83 -66.79 37.52
CA ARG A 85 -2.08 -67.38 38.82
C ARG A 85 -0.80 -67.83 39.50
N ASN A 86 0.23 -68.16 38.70
CA ASN A 86 1.52 -68.54 39.27
C ASN A 86 2.32 -67.32 39.72
N GLY A 87 2.20 -66.22 38.98
CA GLY A 87 2.96 -65.02 39.29
C GLY A 87 3.85 -64.57 38.15
N SER A 88 3.38 -64.78 36.92
CA SER A 88 4.08 -64.37 35.72
C SER A 88 3.19 -63.45 34.90
N TRP A 89 3.80 -62.46 34.25
CA TRP A 89 3.03 -61.55 33.40
C TRP A 89 2.44 -62.30 32.22
N GLU A 90 1.17 -62.05 31.95
CA GLU A 90 0.47 -62.76 30.87
C GLU A 90 1.15 -62.50 29.53
N LEU A 91 1.34 -63.55 28.75
CA LEU A 91 2.12 -63.51 27.53
C LEU A 91 1.23 -63.33 26.30
N VAL A 92 1.84 -62.91 25.21
CA VAL A 92 1.17 -62.85 23.92
C VAL A 92 1.06 -64.26 23.34
N PRO A 93 -0.12 -64.69 22.90
CA PRO A 93 -0.25 -66.05 22.38
C PRO A 93 0.63 -66.28 21.15
N GLY A 94 1.31 -67.43 21.15
CA GLY A 94 2.16 -67.82 20.04
C GLY A 94 3.58 -67.33 20.12
N HIS A 95 3.91 -66.48 21.08
CA HIS A 95 5.27 -65.95 21.23
C HIS A 95 5.59 -65.80 22.71
N ASN A 96 6.89 -65.78 23.01
CA ASN A 96 7.36 -65.56 24.37
C ASN A 96 7.60 -64.06 24.60
N ARG A 97 6.52 -63.29 24.51
CA ARG A 97 6.52 -61.86 24.75
C ARG A 97 5.46 -61.52 25.77
N THR A 98 5.74 -60.50 26.58
CA THR A 98 4.75 -60.04 27.55
C THR A 98 3.65 -59.25 26.87
N TRP A 99 2.41 -59.51 27.28
CA TRP A 99 1.24 -58.84 26.72
C TRP A 99 0.91 -57.58 27.49
N ALA A 100 0.43 -56.57 26.76
CA ALA A 100 -0.01 -55.32 27.37
C ALA A 100 -1.07 -54.70 26.48
N ASN A 101 -1.86 -53.80 27.09
CA ASN A 101 -2.93 -53.09 26.39
C ASN A 101 -2.65 -51.60 26.48
N TYR A 102 -2.33 -50.98 25.34
CA TYR A 102 -2.00 -49.57 25.25
C TYR A 102 -3.04 -48.77 24.46
N SER A 103 -4.23 -49.33 24.26
CA SER A 103 -5.20 -48.70 23.36
C SER A 103 -5.69 -47.35 23.89
N GLU A 104 -5.78 -47.19 25.22
CA GLU A 104 -6.27 -45.93 25.76
C GLU A 104 -5.23 -44.83 25.64
N CYS A 105 -3.94 -45.17 25.79
CA CYS A 105 -2.90 -44.15 25.72
C CYS A 105 -2.71 -43.65 24.29
N VAL A 106 -3.01 -44.48 23.30
CA VAL A 106 -2.82 -44.14 21.90
C VAL A 106 -4.15 -43.75 21.24
N LYS A 107 -5.18 -43.47 22.05
CA LYS A 107 -6.52 -43.25 21.53
C LYS A 107 -6.56 -42.07 20.58
N PHE A 108 -6.19 -40.88 21.05
CA PHE A 108 -6.16 -39.68 20.23
C PHE A 108 -4.83 -39.51 19.49
N LEU A 109 -4.17 -40.61 19.13
CA LEU A 109 -2.86 -40.58 18.48
C LEU A 109 -2.90 -41.25 17.11
N THR A 110 -4.02 -41.13 16.42
CA THR A 110 -4.16 -41.59 15.04
C THR A 110 -4.36 -40.39 14.10
N ASN A 111 -3.59 -39.33 14.33
CA ASN A 111 -3.81 -38.07 13.63
C ASN A 111 -3.45 -38.18 12.15
N GLU A 112 -2.35 -38.87 11.83
CA GLU A 112 -1.83 -38.99 10.46
C GLU A 112 -1.56 -37.57 9.97
N THR A 113 -2.04 -37.17 8.79
CA THR A 113 -1.74 -35.85 8.25
C THR A 113 -3.00 -35.27 7.61
N ARG A 114 -3.56 -34.23 8.24
CA ARG A 114 -4.56 -33.38 7.61
C ARG A 114 -4.06 -31.96 7.40
N GLU A 115 -3.16 -31.47 8.26
CA GLU A 115 -2.55 -30.15 8.11
C GLU A 115 -1.61 -30.06 6.92
N ARG A 116 -1.20 -31.19 6.34
CA ARG A 116 -0.31 -31.14 5.19
C ARG A 116 -0.96 -30.45 3.99
N GLU A 117 -2.27 -30.59 3.84
CA GLU A 117 -2.96 -29.98 2.70
C GLU A 117 -2.89 -28.47 2.76
N VAL A 118 -3.06 -27.89 3.96
CA VAL A 118 -3.03 -26.44 4.10
C VAL A 118 -1.60 -25.92 3.97
N PHE A 119 -0.64 -26.58 4.62
CA PHE A 119 0.73 -26.10 4.58
C PHE A 119 1.34 -26.23 3.19
N ASP A 120 0.94 -27.24 2.43
CA ASP A 120 1.47 -27.39 1.08
C ASP A 120 0.86 -26.37 0.12
N ARG A 121 -0.42 -26.05 0.29
CA ARG A 121 -1.05 -25.06 -0.57
C ARG A 121 -0.49 -23.67 -0.31
N LEU A 122 -0.42 -23.28 0.96
CA LEU A 122 0.09 -21.95 1.31
C LEU A 122 1.57 -21.83 0.96
N GLY A 123 2.34 -22.88 1.18
CA GLY A 123 3.74 -22.86 0.80
C GLY A 123 3.96 -22.78 -0.70
N MET A 124 3.07 -23.42 -1.47
CA MET A 124 3.14 -23.29 -2.92
C MET A 124 2.78 -21.88 -3.38
N ILE A 125 1.79 -21.27 -2.74
CA ILE A 125 1.42 -19.89 -3.05
C ILE A 125 2.59 -18.96 -2.75
N CYS A 126 3.34 -19.24 -1.68
CA CYS A 126 4.49 -18.42 -1.32
C CYS A 126 5.57 -18.50 -2.38
N THR A 127 5.96 -19.72 -2.77
CA THR A 127 7.04 -19.88 -3.73
C THR A 127 6.64 -19.39 -5.12
N VAL A 128 5.39 -19.64 -5.51
CA VAL A 128 4.92 -19.19 -6.82
C VAL A 128 4.85 -17.66 -6.85
N GLY A 129 4.28 -17.05 -5.81
CA GLY A 129 4.13 -15.61 -5.79
C GLY A 129 5.46 -14.88 -5.74
N TYR A 130 6.39 -15.37 -4.91
CA TYR A 130 7.69 -14.71 -4.80
C TYR A 130 8.56 -14.97 -6.03
N SER A 131 8.37 -16.10 -6.70
CA SER A 131 9.13 -16.36 -7.92
C SER A 131 8.69 -15.45 -9.05
N VAL A 132 7.37 -15.28 -9.22
CA VAL A 132 6.87 -14.37 -10.25
C VAL A 132 7.28 -12.93 -9.93
N SER A 133 7.27 -12.58 -8.63
CA SER A 133 7.69 -11.25 -8.24
C SER A 133 9.17 -11.02 -8.51
N LEU A 134 10.01 -12.01 -8.19
CA LEU A 134 11.44 -11.85 -8.41
C LEU A 134 11.78 -11.86 -9.89
N ALA A 135 11.09 -12.69 -10.68
CA ALA A 135 11.34 -12.72 -12.12
C ALA A 135 10.91 -11.42 -12.79
N SER A 136 9.76 -10.87 -12.36
CA SER A 136 9.28 -9.63 -12.96
C SER A 136 10.10 -8.42 -12.51
N LEU A 137 10.64 -8.47 -11.29
CA LEU A 137 11.47 -7.36 -10.82
C LEU A 137 12.86 -7.38 -11.45
N THR A 138 13.37 -8.57 -11.77
CA THR A 138 14.69 -8.64 -12.40
C THR A 138 14.67 -8.06 -13.81
N VAL A 139 13.63 -8.38 -14.59
CA VAL A 139 13.52 -7.80 -15.92
C VAL A 139 13.12 -6.32 -15.85
N ALA A 140 12.49 -5.89 -14.76
CA ALA A 140 12.13 -4.48 -14.63
C ALA A 140 13.36 -3.61 -14.34
N VAL A 141 14.23 -4.08 -13.43
CA VAL A 141 15.42 -3.31 -13.10
C VAL A 141 16.42 -3.35 -14.26
N LEU A 142 16.40 -4.41 -15.06
CA LEU A 142 17.29 -4.48 -16.21
C LEU A 142 16.84 -3.52 -17.32
N ILE A 143 15.53 -3.40 -17.52
CA ILE A 143 15.01 -2.51 -18.54
C ILE A 143 15.31 -1.05 -18.18
N LEU A 144 15.13 -0.69 -16.90
CA LEU A 144 15.39 0.69 -16.50
C LEU A 144 16.87 1.03 -16.57
N ALA A 145 17.75 0.03 -16.45
CA ALA A 145 19.18 0.27 -16.53
C ALA A 145 19.72 0.14 -17.94
N TYR A 146 19.00 -0.55 -18.84
CA TYR A 146 19.48 -0.75 -20.20
C TYR A 146 19.19 0.48 -21.07
N PHE A 147 17.91 0.85 -21.19
CA PHE A 147 17.53 2.00 -22.00
C PHE A 147 18.05 3.28 -21.36
N ARG A 148 18.84 4.04 -22.12
CA ARG A 148 19.40 5.29 -21.60
C ARG A 148 18.34 6.38 -21.45
N ARG A 149 17.23 6.29 -22.18
CA ARG A 149 16.18 7.29 -22.07
C ARG A 149 15.40 7.18 -20.76
N LEU A 150 15.58 6.10 -20.00
CA LEU A 150 14.87 5.87 -18.76
C LEU A 150 15.72 6.18 -17.53
N HIS A 151 16.79 6.94 -17.69
CA HIS A 151 17.72 7.25 -16.60
C HIS A 151 17.37 8.62 -16.04
N CYS A 152 16.70 8.63 -14.89
CA CYS A 152 16.38 9.86 -14.19
C CYS A 152 16.17 9.53 -12.71
N THR A 153 16.06 10.60 -11.91
CA THR A 153 15.91 10.43 -10.47
C THR A 153 14.65 9.65 -10.12
N ARG A 154 13.58 9.84 -10.89
CA ARG A 154 12.33 9.13 -10.62
C ARG A 154 12.51 7.62 -10.78
N ASN A 155 13.27 7.20 -11.80
CA ASN A 155 13.50 5.77 -12.00
C ASN A 155 14.56 5.22 -11.05
N TYR A 156 15.48 6.08 -10.58
CA TYR A 156 16.44 5.63 -9.58
C TYR A 156 15.74 5.27 -8.27
N ILE A 157 14.73 6.05 -7.89
CA ILE A 157 13.94 5.72 -6.71
C ILE A 157 13.17 4.42 -6.92
N HIS A 158 12.72 4.18 -8.16
CA HIS A 158 12.04 2.92 -8.46
C HIS A 158 12.99 1.74 -8.34
N MET A 159 14.24 1.90 -8.76
CA MET A 159 15.20 0.80 -8.68
C MET A 159 15.55 0.47 -7.24
N HIS A 160 15.57 1.47 -6.36
CA HIS A 160 15.74 1.20 -4.94
C HIS A 160 14.55 0.43 -4.38
N LEU A 161 13.33 0.82 -4.77
CA LEU A 161 12.14 0.09 -4.33
C LEU A 161 12.12 -1.32 -4.91
N PHE A 162 12.61 -1.49 -6.14
CA PHE A 162 12.68 -2.82 -6.72
C PHE A 162 13.67 -3.69 -5.97
N LEU A 163 14.83 -3.14 -5.62
CA LEU A 163 15.86 -3.91 -4.94
C LEU A 163 15.42 -4.36 -3.55
N SER A 164 14.64 -3.53 -2.85
CA SER A 164 14.18 -3.90 -1.52
C SER A 164 13.24 -5.09 -1.56
N PHE A 165 12.36 -5.15 -2.56
CA PHE A 165 11.45 -6.28 -2.68
C PHE A 165 12.17 -7.52 -3.21
N MET A 166 13.24 -7.33 -3.99
CA MET A 166 14.01 -8.47 -4.48
C MET A 166 14.77 -9.14 -3.35
N LEU A 167 15.38 -8.35 -2.45
CA LEU A 167 16.09 -8.91 -1.32
C LEU A 167 15.13 -9.56 -0.33
N ARG A 168 13.91 -9.03 -0.21
CA ARG A 168 12.91 -9.68 0.64
C ARG A 168 12.56 -11.06 0.09
N ALA A 169 12.50 -11.19 -1.23
CA ALA A 169 12.22 -12.49 -1.85
C ALA A 169 13.37 -13.46 -1.62
N VAL A 170 14.61 -12.96 -1.62
CA VAL A 170 15.75 -13.83 -1.36
C VAL A 170 15.76 -14.29 0.10
N SER A 171 15.27 -13.44 1.01
CA SER A 171 15.29 -13.79 2.42
C SER A 171 14.37 -14.97 2.74
N ILE A 172 13.16 -14.95 2.18
CA ILE A 172 12.22 -16.04 2.46
C ILE A 172 12.69 -17.33 1.80
N PHE A 173 13.39 -17.24 0.67
CA PHE A 173 13.97 -18.44 0.07
C PHE A 173 15.10 -18.99 0.93
N VAL A 174 15.73 -18.14 1.74
CA VAL A 174 16.74 -18.61 2.69
C VAL A 174 16.06 -19.21 3.92
N MET A 175 14.94 -18.64 4.35
CA MET A 175 14.27 -19.12 5.56
C MET A 175 13.68 -20.52 5.34
N ASP A 176 12.96 -20.72 4.25
CA ASP A 176 12.37 -22.03 4.00
C ASP A 176 13.41 -23.05 3.56
N ALA A 177 14.62 -22.61 3.17
CA ALA A 177 15.67 -23.55 2.84
C ALA A 177 16.25 -24.19 4.11
N VAL A 178 16.54 -23.37 5.12
CA VAL A 178 17.01 -23.91 6.40
C VAL A 178 15.90 -24.62 7.13
N LEU A 179 14.63 -24.36 6.76
CA LEU A 179 13.51 -25.08 7.36
C LEU A 179 13.35 -26.47 6.75
N TYR A 180 13.65 -26.63 5.47
CA TYR A 180 13.52 -27.92 4.81
C TYR A 180 14.54 -28.94 5.30
N SER A 181 15.64 -28.48 5.87
CA SER A 181 16.69 -29.40 6.35
C SER A 181 16.20 -30.22 7.54
N TYR A 213 21.08 -23.02 14.60
CA TYR A 213 20.08 -22.23 15.31
C TYR A 213 20.30 -20.73 15.09
N ALA A 214 21.54 -20.28 15.29
CA ALA A 214 21.86 -18.88 15.03
C ALA A 214 21.71 -18.53 13.55
N GLY A 215 21.84 -19.51 12.66
CA GLY A 215 21.64 -19.25 11.24
C GLY A 215 20.20 -18.92 10.92
N CYS A 216 19.27 -19.35 11.76
CA CYS A 216 17.86 -18.98 11.59
C CYS A 216 17.61 -17.56 12.05
N ARG A 217 18.29 -17.11 13.10
CA ARG A 217 18.07 -15.77 13.63
C ARG A 217 18.49 -14.71 12.64
N VAL A 218 19.64 -14.89 11.98
CA VAL A 218 20.09 -13.92 10.99
C VAL A 218 19.21 -13.95 9.75
N ALA A 219 18.53 -15.07 9.49
CA ALA A 219 17.64 -15.15 8.34
C ALA A 219 16.37 -14.33 8.56
N VAL A 220 15.76 -14.46 9.74
CA VAL A 220 14.55 -13.71 10.04
C VAL A 220 14.87 -12.24 10.32
N THR A 221 16.10 -11.93 10.74
CA THR A 221 16.48 -10.53 10.91
C THR A 221 16.58 -9.81 9.58
N PHE A 222 17.23 -10.46 8.59
CA PHE A 222 17.31 -9.87 7.26
C PHE A 222 15.94 -9.72 6.63
N PHE A 223 15.02 -10.66 6.90
CA PHE A 223 13.68 -10.55 6.34
C PHE A 223 12.94 -9.36 6.93
N LEU A 224 13.01 -9.18 8.25
CA LEU A 224 12.31 -8.06 8.88
C LEU A 224 12.92 -6.72 8.48
N TYR A 225 14.23 -6.69 8.20
CA TYR A 225 14.84 -5.47 7.70
C TYR A 225 14.32 -5.14 6.30
N PHE A 226 14.33 -6.13 5.40
CA PHE A 226 13.84 -5.89 4.05
C PHE A 226 12.35 -5.57 4.05
N LEU A 227 11.58 -6.20 4.95
CA LEU A 227 10.16 -5.85 5.08
C LEU A 227 9.99 -4.39 5.48
N ALA A 228 10.87 -3.89 6.36
CA ALA A 228 10.76 -2.51 6.80
C ALA A 228 11.21 -1.55 5.70
N THR A 229 12.24 -1.92 4.93
CA THR A 229 12.68 -1.06 3.85
C THR A 229 11.63 -0.97 2.74
N ASN A 230 10.82 -2.01 2.57
CA ASN A 230 9.75 -1.96 1.58
C ASN A 230 8.74 -0.88 1.92
N TYR A 231 8.27 -0.85 3.17
CA TYR A 231 7.26 0.14 3.55
C TYR A 231 7.85 1.53 3.67
N TYR A 232 9.15 1.65 3.96
CA TYR A 232 9.76 2.97 4.07
C TYR A 232 10.13 3.54 2.71
N TRP A 233 10.45 2.68 1.73
CA TRP A 233 10.65 3.15 0.37
C TRP A 233 9.34 3.47 -0.33
N ILE A 234 8.22 2.87 0.11
CA ILE A 234 6.92 3.32 -0.35
C ILE A 234 6.65 4.73 0.16
N ALA A 235 7.04 5.01 1.40
CA ALA A 235 6.94 6.37 1.92
C ALA A 235 7.86 7.33 1.18
N VAL A 236 9.00 6.85 0.70
CA VAL A 236 9.88 7.68 -0.11
C VAL A 236 9.20 8.05 -1.42
N GLU A 237 8.51 7.08 -2.04
CA GLU A 237 7.74 7.38 -3.25
C GLU A 237 6.69 8.44 -2.99
N GLY A 238 6.03 8.38 -1.83
CA GLY A 238 5.05 9.39 -1.49
C GLY A 238 5.69 10.74 -1.19
N LEU A 239 6.84 10.74 -0.51
CA LEU A 239 7.52 11.98 -0.20
C LEU A 239 8.05 12.64 -1.47
N TYR A 240 8.55 11.84 -2.42
CA TYR A 240 9.06 12.40 -3.66
C TYR A 240 7.94 13.02 -4.48
N LEU A 241 6.78 12.36 -4.55
CA LEU A 241 5.65 12.92 -5.28
C LEU A 241 5.09 14.14 -4.57
N HIS A 242 5.01 14.09 -3.24
CA HIS A 242 4.54 15.25 -2.49
C HIS A 242 5.49 16.44 -2.62
N SER A 243 6.79 16.16 -2.78
CA SER A 243 7.74 17.25 -2.94
C SER A 243 7.65 17.89 -4.31
N LEU A 244 7.47 17.07 -5.36
CA LEU A 244 7.35 17.63 -6.70
C LEU A 244 6.18 18.59 -6.81
N ILE A 245 5.10 18.33 -6.07
CA ILE A 245 3.88 19.14 -6.18
C ILE A 245 3.94 20.37 -5.29
N PHE A 246 4.40 20.22 -4.04
CA PHE A 246 4.34 21.31 -3.08
C PHE A 246 5.64 22.10 -2.94
N LYS A 247 6.75 21.57 -3.42
CA LYS A 247 8.01 22.31 -3.44
C LYS A 247 8.22 22.89 -4.84
N ALA A 248 8.23 24.22 -4.92
CA ALA A 248 8.38 24.88 -6.21
C ALA A 248 9.73 24.56 -6.85
N PHE A 249 10.76 24.30 -6.04
CA PHE A 249 12.12 24.20 -6.55
C PHE A 249 13.04 23.60 -5.49
N PHE A 250 13.66 22.47 -5.81
CA PHE A 250 14.58 21.81 -4.88
C PHE A 250 15.62 21.03 -5.67
N SER A 251 16.59 20.49 -4.96
CA SER A 251 17.65 19.70 -5.56
C SER A 251 17.28 18.21 -5.49
N GLU A 252 17.13 17.58 -6.65
CA GLU A 252 16.79 16.17 -6.68
C GLU A 252 17.96 15.30 -6.23
N LYS A 253 19.19 15.72 -6.52
CA LYS A 253 20.36 14.95 -6.10
C LYS A 253 20.44 14.88 -4.57
N LYS A 254 20.24 16.02 -3.92
CA LYS A 254 20.32 16.04 -2.45
C LYS A 254 19.12 15.33 -1.82
N TYR A 255 17.94 15.47 -2.43
CA TYR A 255 16.78 14.75 -1.92
C TYR A 255 16.93 13.25 -2.09
N LEU A 256 17.53 12.81 -3.21
CA LEU A 256 17.79 11.38 -3.39
C LEU A 256 18.77 10.86 -2.35
N TRP A 257 19.75 11.69 -1.95
CA TRP A 257 20.66 11.29 -0.89
C TRP A 257 19.93 11.17 0.43
N GLY A 258 19.00 12.08 0.71
CA GLY A 258 18.20 11.97 1.93
C GLY A 258 17.20 10.84 1.87
N PHE A 259 16.72 10.51 0.67
CA PHE A 259 15.80 9.39 0.54
C PHE A 259 16.51 8.05 0.74
N THR A 260 17.77 7.94 0.32
CA THR A 260 18.52 6.72 0.54
C THR A 260 18.77 6.47 2.02
N VAL A 261 19.13 7.52 2.76
CA VAL A 261 19.31 7.37 4.20
C VAL A 261 17.99 7.06 4.88
N PHE A 262 16.89 7.64 4.39
CA PHE A 262 15.58 7.38 4.97
C PHE A 262 15.13 5.94 4.71
N GLY A 263 15.37 5.44 3.50
CA GLY A 263 14.89 4.13 3.10
C GLY A 263 15.70 2.97 3.63
N TRP A 264 17.02 3.11 3.64
CA TRP A 264 17.90 2.03 4.08
C TRP A 264 18.44 2.23 5.49
N GLY A 265 18.54 3.47 5.96
CA GLY A 265 19.14 3.74 7.26
C GLY A 265 18.20 3.52 8.42
N LEU A 266 17.05 4.20 8.41
CA LEU A 266 16.12 4.08 9.53
C LEU A 266 15.64 2.66 9.77
N PRO A 267 15.27 1.86 8.76
CA PRO A 267 14.95 0.45 9.06
C PRO A 267 16.06 -0.29 9.76
N ALA A 268 17.31 -0.04 9.39
CA ALA A 268 18.44 -0.68 10.08
C ALA A 268 18.58 -0.19 11.51
N ILE A 269 17.99 0.96 11.86
CA ILE A 269 18.13 1.49 13.21
C ILE A 269 17.25 0.72 14.18
N PHE A 270 15.93 0.75 13.96
CA PHE A 270 15.03 0.08 14.91
C PHE A 270 15.02 -1.44 14.76
N VAL A 271 15.58 -1.98 13.68
CA VAL A 271 15.80 -3.42 13.62
C VAL A 271 16.99 -3.82 14.48
N ALA A 272 18.05 -3.00 14.48
CA ALA A 272 19.17 -3.25 15.37
C ALA A 272 18.75 -3.15 16.83
N VAL A 273 17.89 -2.17 17.15
CA VAL A 273 17.34 -2.09 18.50
C VAL A 273 16.48 -3.31 18.80
N TRP A 274 15.82 -3.85 17.79
CA TRP A 274 15.02 -5.06 17.97
C TRP A 274 15.90 -6.26 18.33
N VAL A 275 16.99 -6.44 17.59
CA VAL A 275 17.91 -7.53 17.88
C VAL A 275 18.58 -7.34 19.24
N SER A 276 18.84 -6.08 19.62
CA SER A 276 19.48 -5.81 20.90
C SER A 276 18.56 -6.16 22.07
N VAL A 277 17.28 -5.83 21.96
CA VAL A 277 16.33 -6.13 23.02
C VAL A 277 15.99 -7.62 23.04
N ARG A 278 16.08 -8.28 21.89
CA ARG A 278 15.66 -9.68 21.78
CA ARG A 278 15.66 -9.67 21.78
C ARG A 278 16.68 -10.63 22.37
N ALA A 279 17.91 -10.61 21.85
CA ALA A 279 18.92 -11.58 22.27
C ALA A 279 19.25 -11.47 23.76
N THR A 280 19.05 -10.31 24.36
CA THR A 280 19.44 -10.13 25.76
C THR A 280 18.47 -10.83 26.71
N LEU A 281 17.17 -10.72 26.45
CA LEU A 281 16.18 -11.19 27.42
C LEU A 281 16.22 -12.71 27.56
N ALA A 282 16.28 -13.44 26.45
CA ALA A 282 16.30 -14.89 26.50
C ALA A 282 16.77 -15.40 25.14
N ASN A 283 16.39 -16.66 24.80
CA ASN A 283 16.77 -17.30 23.56
C ASN A 283 15.58 -18.16 23.11
N THR A 284 14.47 -17.50 22.76
CA THR A 284 13.23 -18.18 22.43
C THR A 284 13.30 -18.70 20.99
N GLY A 285 12.14 -19.07 20.44
CA GLY A 285 12.08 -19.62 19.10
C GLY A 285 12.50 -18.61 18.04
N CYS A 286 12.69 -19.14 16.84
CA CYS A 286 13.18 -18.31 15.74
C CYS A 286 12.06 -17.53 15.05
N TRP A 287 10.84 -18.07 15.06
CA TRP A 287 9.73 -17.48 14.29
C TRP A 287 8.57 -17.02 15.14
N ASP A 288 8.69 -17.02 16.46
CA ASP A 288 7.59 -16.61 17.33
C ASP A 288 7.74 -15.15 17.73
N LEU A 289 7.83 -14.30 16.71
CA LEU A 289 7.96 -12.87 16.93
C LEU A 289 6.68 -12.26 17.49
N SER A 290 5.53 -12.85 17.14
CA SER A 290 4.24 -12.26 17.50
C SER A 290 3.87 -12.50 18.95
N SER A 291 4.62 -13.34 19.66
CA SER A 291 4.18 -13.78 20.98
C SER A 291 4.41 -12.70 22.03
N GLY A 292 5.52 -11.97 21.94
CA GLY A 292 5.88 -10.97 22.91
C GLY A 292 5.71 -9.55 22.39
N ASN A 293 5.86 -8.61 23.32
CA ASN A 293 5.79 -7.19 23.01
C ASN A 293 6.97 -6.70 22.20
N ASN A 294 7.95 -7.57 21.89
CA ASN A 294 9.10 -7.17 21.10
C ASN A 294 8.73 -6.80 19.67
N LYS A 295 7.58 -7.27 19.18
CA LYS A 295 7.15 -6.98 17.82
C LYS A 295 6.63 -5.56 17.64
N TRP A 296 6.33 -4.85 18.71
CA TRP A 296 5.74 -3.53 18.58
C TRP A 296 6.78 -2.44 18.32
N ILE A 297 8.05 -2.68 18.65
CA ILE A 297 9.08 -1.68 18.36
C ILE A 297 9.52 -1.72 16.90
N ILE A 298 9.07 -2.71 16.14
CA ILE A 298 9.26 -2.73 14.70
C ILE A 298 7.98 -2.44 13.94
N GLN A 299 6.81 -2.86 14.44
CA GLN A 299 5.57 -2.54 13.78
C GLN A 299 5.21 -1.06 13.89
N VAL A 300 5.55 -0.43 15.01
CA VAL A 300 5.23 0.99 15.18
C VAL A 300 5.95 1.88 14.17
N PRO A 301 7.27 1.73 13.94
CA PRO A 301 7.89 2.53 12.86
C PRO A 301 7.29 2.25 11.50
N ILE A 302 6.94 0.99 11.22
CA ILE A 302 6.27 0.68 9.96
C ILE A 302 4.89 1.34 9.91
N LEU A 303 4.17 1.34 11.03
CA LEU A 303 2.90 2.04 11.07
C LEU A 303 3.06 3.53 10.89
N ALA A 304 4.16 4.09 11.40
CA ALA A 304 4.39 5.53 11.25
C ALA A 304 4.52 5.93 9.79
N SER A 305 5.12 5.07 8.98
CA SER A 305 5.22 5.36 7.54
C SER A 305 3.85 5.32 6.88
N ILE A 306 2.99 4.41 7.32
CA ILE A 306 1.63 4.34 6.77
C ILE A 306 0.84 5.59 7.15
N VAL A 307 1.01 6.07 8.38
CA VAL A 307 0.35 7.31 8.79
C VAL A 307 0.91 8.50 8.00
N LEU A 308 2.23 8.51 7.77
CA LEU A 308 2.83 9.55 6.96
C LEU A 308 2.29 9.51 5.53
N ASN A 309 2.12 8.31 4.98
CA ASN A 309 1.59 8.18 3.62
C ASN A 309 0.15 8.65 3.54
N PHE A 310 -0.65 8.37 4.57
CA PHE A 310 -2.03 8.86 4.59
C PHE A 310 -2.06 10.39 4.65
N ILE A 311 -1.06 11.00 5.30
CA ILE A 311 -0.99 12.46 5.33
C ILE A 311 -0.60 13.00 3.96
N LEU A 312 0.42 12.39 3.33
CA LEU A 312 0.84 12.82 2.00
C LEU A 312 -0.25 12.55 0.97
N PHE A 313 -0.99 11.45 1.13
CA PHE A 313 -2.05 11.13 0.18
C PHE A 313 -3.14 12.19 0.18
N ILE A 314 -3.54 12.66 1.36
CA ILE A 314 -4.63 13.63 1.45
C ILE A 314 -4.20 14.98 0.88
N ASN A 315 -2.94 15.36 1.09
CA ASN A 315 -2.48 16.63 0.55
C ASN A 315 -2.44 16.61 -0.97
N ILE A 316 -2.08 15.49 -1.57
CA ILE A 316 -1.89 15.43 -3.01
C ILE A 316 -3.24 15.43 -3.73
N VAL A 317 -4.19 14.63 -3.24
CA VAL A 317 -5.47 14.51 -3.93
C VAL A 317 -6.30 15.79 -3.83
N ARG A 318 -6.05 16.63 -2.82
CA ARG A 318 -6.76 17.90 -2.72
C ARG A 318 -6.26 18.91 -3.73
N VAL A 319 -5.06 18.70 -4.30
CA VAL A 319 -4.41 19.67 -5.16
C VAL A 319 -4.25 19.15 -6.58
N LEU A 320 -3.91 17.87 -6.74
CA LEU A 320 -3.71 17.28 -8.05
C LEU A 320 -5.04 16.79 -8.60
N ALA A 321 -5.46 17.36 -9.73
CA ALA A 321 -6.71 16.96 -10.36
C ALA A 321 -6.58 15.57 -10.97
N THR A 322 -7.71 14.87 -11.05
CA THR A 322 -7.71 13.53 -11.63
C THR A 322 -7.45 13.55 -13.14
N LYS A 323 -7.73 14.67 -13.81
CA LYS A 323 -7.50 14.79 -15.24
C LYS A 323 -7.26 16.25 -15.58
N GLY A 324 -6.30 16.48 -16.48
CA GLY A 324 -5.96 17.82 -16.90
C GLY A 324 -6.85 18.34 -18.00
N ILE A 325 -6.39 19.39 -18.66
CA ILE A 325 -7.13 20.01 -19.76
C ILE A 325 -6.74 19.32 -21.06
N ASP A 326 -7.65 19.35 -22.02
CA ASP A 326 -7.39 18.78 -23.34
C ASP A 326 -6.44 19.67 -24.12
N SER A 328 -4.77 19.12 -26.73
CA SER A 328 -4.88 19.01 -28.18
C SER A 328 -5.94 19.96 -28.73
N PHE A 329 -6.81 20.46 -27.85
CA PHE A 329 -7.92 21.31 -28.25
C PHE A 329 -7.71 22.78 -27.89
N TRP A 330 -7.29 23.07 -26.67
CA TRP A 330 -7.16 24.46 -26.20
C TRP A 330 -5.84 25.03 -26.67
N ASN A 331 -5.83 25.48 -27.93
CA ASN A 331 -4.65 26.05 -28.56
C ASN A 331 -5.09 27.17 -29.49
N GLU A 332 -4.43 28.33 -29.40
CA GLU A 332 -4.82 29.46 -30.25
C GLU A 332 -4.45 29.24 -31.70
N SER A 333 -3.53 28.32 -32.00
CA SER A 333 -3.16 28.03 -33.38
C SER A 333 -4.28 27.41 -34.19
N TYR A 334 -5.40 27.05 -33.56
CA TYR A 334 -6.60 26.62 -34.28
C TYR A 334 -7.39 27.78 -34.85
N LEU A 335 -7.15 29.00 -34.40
CA LEU A 335 -7.91 30.16 -34.83
C LEU A 335 -7.22 30.87 -35.99
N THR A 336 -8.01 31.60 -36.77
CA THR A 336 -7.53 32.32 -37.94
C THR A 336 -7.65 33.83 -37.73
N GLY A 337 -6.82 34.58 -38.42
CA GLY A 337 -6.81 36.03 -38.30
C GLY A 337 -6.20 36.48 -36.99
N SER A 338 -6.11 37.80 -36.86
CA SER A 338 -5.56 38.40 -35.64
C SER A 338 -6.63 38.46 -34.56
N ARG A 339 -6.16 38.67 -33.32
CA ARG A 339 -7.08 38.73 -32.19
C ARG A 339 -7.99 39.96 -32.28
N ASP A 340 -7.48 41.08 -32.82
CA ASP A 340 -8.31 42.26 -32.98
C ASP A 340 -9.45 42.01 -33.96
N GLU A 341 -9.16 41.30 -35.07
CA GLU A 341 -10.20 40.98 -36.02
C GLU A 341 -11.24 40.04 -35.42
N ARG A 342 -10.79 39.07 -34.62
CA ARG A 342 -11.73 38.11 -34.03
C ARG A 342 -12.62 38.77 -32.99
N LYS A 343 -12.08 39.73 -32.24
CA LYS A 343 -12.89 40.40 -31.22
C LYS A 343 -13.91 41.33 -31.86
N LYS A 344 -13.52 42.02 -32.94
CA LYS A 344 -14.45 42.91 -33.62
C LYS A 344 -15.60 42.13 -34.25
N SER A 345 -15.29 40.99 -34.86
CA SER A 345 -16.34 40.14 -35.42
C SER A 345 -17.22 39.56 -34.32
N LEU A 346 -16.63 39.19 -33.19
CA LEU A 346 -17.41 38.62 -32.09
C LEU A 346 -18.39 39.64 -31.53
N LEU A 347 -17.91 40.84 -31.21
CA LEU A 347 -18.79 41.87 -30.65
C LEU A 347 -19.86 42.28 -31.65
N SER A 348 -19.56 42.20 -32.95
CA SER A 348 -20.56 42.52 -33.97
C SER A 348 -21.66 41.47 -34.00
N LYS A 349 -21.31 40.20 -33.78
CA LYS A 349 -22.32 39.15 -33.70
C LYS A 349 -23.28 39.40 -32.55
N PHE A 350 -22.78 39.93 -31.43
CA PHE A 350 -23.61 40.26 -30.29
C PHE A 350 -24.27 41.64 -30.42
N GLY A 351 -23.97 42.38 -31.48
CA GLY A 351 -24.59 43.68 -31.67
C GLY A 351 -23.96 44.78 -30.86
N MET A 352 -22.63 44.83 -30.77
CA MET A 352 -21.92 45.83 -29.99
C MET A 352 -20.76 46.38 -30.80
N ASP A 353 -20.29 47.56 -30.38
CA ASP A 353 -19.09 48.14 -30.97
C ASP A 353 -17.85 47.57 -30.28
N GLU A 354 -16.68 47.95 -30.79
CA GLU A 354 -15.43 47.48 -30.22
C GLU A 354 -15.20 48.08 -28.84
N GLY A 355 -14.65 47.26 -27.95
CA GLY A 355 -14.37 47.70 -26.60
C GLY A 355 -13.65 46.61 -25.84
N VAL A 356 -13.13 46.98 -24.67
CA VAL A 356 -12.44 46.03 -23.82
C VAL A 356 -13.45 45.01 -23.30
N THR A 357 -13.28 43.76 -23.68
CA THR A 357 -14.28 42.72 -23.45
C THR A 357 -13.88 41.84 -22.27
N PHE A 358 -14.81 41.68 -21.32
CA PHE A 358 -14.65 40.80 -20.18
C PHE A 358 -15.67 39.66 -20.30
N MET A 359 -15.25 38.45 -19.95
CA MET A 359 -16.10 37.27 -20.06
C MET A 359 -16.15 36.51 -18.75
N PHE A 360 -17.35 36.02 -18.42
CA PHE A 360 -17.55 35.06 -17.34
C PHE A 360 -18.22 33.82 -17.92
N ILE A 361 -17.76 32.64 -17.50
CA ILE A 361 -18.37 31.38 -17.90
C ILE A 361 -18.34 30.44 -16.70
N GLY A 362 -19.50 29.92 -16.32
CA GLY A 362 -19.59 29.03 -15.19
C GLY A 362 -20.99 28.95 -14.64
N ARG A 363 -21.13 28.10 -13.62
CA ARG A 363 -22.40 27.86 -12.98
C ARG A 363 -22.89 29.12 -12.26
N PHE A 364 -24.20 29.36 -12.35
CA PHE A 364 -24.82 30.50 -11.65
C PHE A 364 -25.28 30.02 -10.28
N ASP A 365 -24.45 30.25 -9.26
CA ASP A 365 -24.76 29.84 -7.90
C ASP A 365 -24.42 30.98 -6.95
N ARG A 366 -24.82 30.82 -5.69
CA ARG A 366 -24.80 31.94 -4.75
C ARG A 366 -23.49 32.07 -3.98
N GLY A 367 -22.86 30.96 -3.60
CA GLY A 367 -21.65 31.05 -2.82
C GLY A 367 -20.50 30.19 -3.29
N GLN A 368 -20.39 29.99 -4.60
CA GLN A 368 -19.39 29.08 -5.15
C GLN A 368 -18.65 29.70 -6.33
N LYS A 369 -19.27 29.72 -7.51
CA LYS A 369 -18.61 30.22 -8.70
C LYS A 369 -18.53 31.75 -8.74
N GLY A 370 -19.39 32.44 -8.00
CA GLY A 370 -19.24 33.87 -7.81
C GLY A 370 -19.84 34.77 -8.88
N VAL A 371 -20.85 34.30 -9.61
CA VAL A 371 -21.49 35.18 -10.58
C VAL A 371 -22.20 36.33 -9.87
N ASP A 372 -22.60 36.12 -8.62
CA ASP A 372 -23.23 37.20 -7.85
C ASP A 372 -22.23 38.32 -7.56
N VAL A 373 -20.96 37.97 -7.34
CA VAL A 373 -19.94 38.99 -7.13
C VAL A 373 -19.73 39.81 -8.39
N LEU A 374 -19.75 39.16 -9.56
CA LEU A 374 -19.57 39.87 -10.81
C LEU A 374 -20.74 40.81 -11.10
N LEU A 375 -21.97 40.31 -10.91
CA LEU A 375 -23.14 41.14 -11.17
C LEU A 375 -23.17 42.38 -10.29
N LYS A 376 -22.76 42.23 -9.02
CA LYS A 376 -22.68 43.40 -8.15
C LYS A 376 -21.57 44.34 -8.60
N ALA A 377 -20.45 43.79 -9.08
CA ALA A 377 -19.37 44.62 -9.59
C ALA A 377 -19.77 45.38 -10.84
N ILE A 378 -20.63 44.78 -11.67
CA ILE A 378 -21.10 45.47 -12.87
C ILE A 378 -22.01 46.63 -12.50
N GLU A 379 -22.81 46.45 -11.45
CA GLU A 379 -23.66 47.55 -10.98
C GLU A 379 -22.82 48.69 -10.44
N ILE A 380 -21.76 48.38 -9.69
CA ILE A 380 -20.87 49.41 -9.17
C ILE A 380 -20.24 50.19 -10.32
N LEU A 381 -19.81 49.50 -11.37
CA LEU A 381 -19.18 50.15 -12.50
C LEU A 381 -20.16 50.86 -13.41
N SER A 382 -21.45 50.52 -13.33
CA SER A 382 -22.42 51.04 -14.29
C SER A 382 -22.59 52.57 -14.18
N SER A 383 -22.26 53.15 -13.04
CA SER A 383 -22.35 54.60 -12.87
C SER A 383 -21.07 55.33 -13.26
N LYS A 384 -19.96 54.61 -13.42
CA LYS A 384 -18.72 55.24 -13.84
C LYS A 384 -18.79 55.63 -15.32
N LYS A 385 -17.97 56.62 -15.69
CA LYS A 385 -17.85 56.98 -17.09
C LYS A 385 -17.08 55.93 -17.87
N GLU A 386 -16.17 55.21 -17.20
CA GLU A 386 -15.40 54.16 -17.86
C GLU A 386 -16.25 52.95 -18.23
N PHE A 387 -17.50 52.88 -17.76
CA PHE A 387 -18.36 51.75 -18.10
C PHE A 387 -18.67 51.68 -19.58
N GLN A 388 -18.74 52.85 -20.25
CA GLN A 388 -19.05 52.86 -21.67
C GLN A 388 -17.94 52.24 -22.52
N GLU A 389 -16.71 52.19 -21.99
CA GLU A 389 -15.60 51.58 -22.71
C GLU A 389 -15.53 50.06 -22.51
N MET A 390 -16.34 49.50 -21.62
CA MET A 390 -16.26 48.09 -21.28
C MET A 390 -17.36 47.30 -22.00
N ARG A 391 -17.07 46.02 -22.21
CA ARG A 391 -18.04 45.07 -22.76
C ARG A 391 -18.03 43.82 -21.90
N PHE A 392 -19.21 43.26 -21.66
CA PHE A 392 -19.35 42.11 -20.75
C PHE A 392 -20.14 41.00 -21.42
N ILE A 393 -19.65 39.78 -21.29
CA ILE A 393 -20.30 38.58 -21.81
C ILE A 393 -20.41 37.58 -20.66
N ILE A 394 -21.63 37.25 -20.27
CA ILE A 394 -21.89 36.40 -19.11
C ILE A 394 -22.56 35.12 -19.60
N ILE A 395 -21.92 33.99 -19.33
CA ILE A 395 -22.37 32.69 -19.84
C ILE A 395 -22.51 31.73 -18.66
N GLY A 396 -23.66 31.11 -18.53
CA GLY A 396 -23.86 30.16 -17.46
C GLY A 396 -25.32 29.84 -17.23
N LYS A 397 -25.55 29.07 -16.18
CA LYS A 397 -26.86 28.53 -15.85
C LYS A 397 -26.90 28.23 -14.36
N GLY A 398 -28.11 28.16 -13.80
CA GLY A 398 -28.26 27.77 -12.41
C GLY A 398 -29.40 28.41 -11.64
N ASP A 399 -29.06 29.20 -10.62
CA ASP A 399 -30.07 29.85 -9.78
C ASP A 399 -30.95 30.75 -10.64
N PRO A 400 -32.27 30.59 -10.61
CA PRO A 400 -33.13 31.46 -11.43
C PRO A 400 -33.02 32.93 -11.08
N GLU A 401 -32.86 33.27 -9.80
CA GLU A 401 -32.79 34.67 -9.41
C GLU A 401 -31.53 35.35 -9.95
N LEU A 402 -30.42 34.60 -10.02
CA LEU A 402 -29.21 35.14 -10.63
C LEU A 402 -29.30 35.17 -12.15
N GLU A 403 -30.09 34.27 -12.74
CA GLU A 403 -30.33 34.34 -14.17
C GLU A 403 -31.14 35.57 -14.54
N GLY A 404 -32.19 35.86 -13.76
CA GLY A 404 -32.96 37.06 -14.01
C GLY A 404 -32.18 38.33 -13.76
N TRP A 405 -31.33 38.32 -12.74
CA TRP A 405 -30.47 39.48 -12.47
C TRP A 405 -29.52 39.73 -13.64
N ALA A 406 -28.97 38.66 -14.21
CA ALA A 406 -28.10 38.82 -15.38
C ALA A 406 -28.89 39.30 -16.60
N ARG A 407 -30.08 38.74 -16.82
CA ARG A 407 -30.91 39.19 -17.92
C ARG A 407 -31.34 40.64 -17.74
N SER A 408 -31.51 41.09 -16.49
CA SER A 408 -31.88 42.47 -16.24
C SER A 408 -30.78 43.43 -16.68
N LEU A 409 -29.53 43.10 -16.37
CA LEU A 409 -28.41 43.96 -16.78
C LEU A 409 -28.24 43.96 -18.28
N GLU A 410 -28.48 42.83 -18.94
CA GLU A 410 -28.39 42.77 -20.39
C GLU A 410 -29.42 43.68 -21.05
N GLU A 411 -30.63 43.73 -20.48
CA GLU A 411 -31.67 44.59 -21.00
C GLU A 411 -31.45 46.05 -20.61
N LYS A 412 -30.80 46.29 -19.47
CA LYS A 412 -30.60 47.65 -18.98
C LYS A 412 -29.42 48.33 -19.67
N HIS A 413 -28.39 47.58 -20.03
CA HIS A 413 -27.18 48.15 -20.63
C HIS A 413 -26.90 47.48 -21.97
N GLY A 414 -26.52 48.29 -22.96
CA GLY A 414 -26.19 47.81 -24.28
C GLY A 414 -24.82 47.21 -24.44
N ASN A 415 -24.02 47.16 -23.37
CA ASN A 415 -22.69 46.58 -23.41
C ASN A 415 -22.60 45.30 -22.57
N VAL A 416 -23.73 44.63 -22.32
CA VAL A 416 -23.79 43.42 -21.52
C VAL A 416 -24.54 42.36 -22.31
N LYS A 417 -23.91 41.21 -22.51
CA LYS A 417 -24.50 40.08 -23.24
C LYS A 417 -24.55 38.88 -22.31
N VAL A 418 -25.69 38.18 -22.28
CA VAL A 418 -25.90 37.03 -21.43
C VAL A 418 -26.31 35.85 -22.29
N ILE A 419 -25.66 34.70 -22.07
CA ILE A 419 -25.96 33.46 -22.78
C ILE A 419 -26.23 32.38 -21.74
N THR A 420 -27.47 31.87 -21.73
CA THR A 420 -27.84 30.80 -20.80
C THR A 420 -28.00 29.45 -21.47
N GLU A 421 -27.90 29.37 -22.80
CA GLU A 421 -28.01 28.09 -23.47
C GLU A 421 -26.66 27.37 -23.47
N MET A 422 -26.70 26.10 -23.88
CA MET A 422 -25.49 25.29 -23.92
C MET A 422 -24.65 25.65 -25.14
N LEU A 423 -23.36 25.85 -24.92
CA LEU A 423 -22.42 26.21 -25.98
C LEU A 423 -21.41 25.09 -26.19
N SER A 424 -21.08 24.84 -27.45
CA SER A 424 -20.01 23.90 -27.76
C SER A 424 -18.67 24.47 -27.34
N ARG A 425 -17.72 23.59 -27.03
CA ARG A 425 -16.40 24.05 -26.63
C ARG A 425 -15.62 24.68 -27.78
N GLU A 426 -16.06 24.46 -29.02
CA GLU A 426 -15.48 25.21 -30.13
C GLU A 426 -15.83 26.69 -30.04
N PHE A 427 -17.08 27.00 -29.69
CA PHE A 427 -17.47 28.40 -29.53
C PHE A 427 -16.85 29.01 -28.27
N VAL A 428 -16.70 28.20 -27.21
CA VAL A 428 -16.03 28.69 -26.01
C VAL A 428 -14.57 29.03 -26.32
N ARG A 429 -13.91 28.20 -27.11
CA ARG A 429 -12.53 28.48 -27.51
C ARG A 429 -12.45 29.74 -28.35
N GLU A 430 -13.46 29.97 -29.19
CA GLU A 430 -13.51 31.21 -29.97
C GLU A 430 -13.59 32.42 -29.06
N LEU A 431 -14.30 32.30 -27.94
CA LEU A 431 -14.42 33.41 -27.00
C LEU A 431 -13.12 33.62 -26.22
N TYR A 432 -12.49 32.54 -25.76
CA TYR A 432 -11.21 32.66 -25.05
C TYR A 432 -10.17 33.36 -25.90
N GLY A 433 -10.18 33.11 -27.21
CA GLY A 433 -9.21 33.68 -28.13
C GLY A 433 -9.62 35.02 -28.73
N SER A 434 -10.71 35.60 -28.29
CA SER A 434 -11.19 36.89 -28.81
C SER A 434 -11.33 37.94 -27.73
N VAL A 435 -11.81 37.58 -26.53
CA VAL A 435 -11.99 38.53 -25.45
C VAL A 435 -10.64 39.00 -24.95
N ASP A 436 -10.64 40.04 -24.10
CA ASP A 436 -9.43 40.56 -23.51
C ASP A 436 -9.15 39.98 -22.14
N PHE A 437 -10.17 39.83 -21.30
CA PHE A 437 -10.01 39.32 -19.95
C PHE A 437 -11.12 38.33 -19.64
N VAL A 438 -10.77 37.30 -18.86
CA VAL A 438 -11.72 36.32 -18.37
C VAL A 438 -11.81 36.49 -16.85
N ILE A 439 -13.03 36.64 -16.35
CA ILE A 439 -13.27 36.88 -14.93
C ILE A 439 -13.65 35.56 -14.28
N ILE A 440 -12.87 35.14 -13.29
CA ILE A 440 -13.12 33.89 -12.57
C ILE A 440 -13.27 34.20 -11.09
N PRO A 441 -14.44 34.67 -10.63
CA PRO A 441 -14.61 35.10 -9.25
C PRO A 441 -15.11 34.00 -8.32
N SER A 442 -14.45 32.84 -8.37
CA SER A 442 -14.88 31.70 -7.57
C SER A 442 -14.66 31.96 -6.09
N TYR A 443 -15.56 31.43 -5.26
CA TYR A 443 -15.33 31.42 -3.82
C TYR A 443 -14.30 30.35 -3.45
N PHE A 444 -14.34 29.21 -4.13
CA PHE A 444 -13.31 28.19 -3.97
C PHE A 444 -13.12 27.49 -5.31
N GLU A 445 -11.88 27.16 -5.61
CA GLU A 445 -11.52 26.54 -6.88
C GLU A 445 -10.26 25.72 -6.65
N PRO A 446 -10.38 24.41 -6.41
CA PRO A 446 -9.20 23.62 -6.07
C PRO A 446 -8.22 23.45 -7.21
N PHE A 447 -8.68 23.39 -8.46
CA PHE A 447 -7.80 23.11 -9.59
C PHE A 447 -7.69 24.24 -10.59
N GLY A 448 -8.78 24.93 -10.89
CA GLY A 448 -8.72 26.07 -11.78
C GLY A 448 -8.43 25.74 -13.23
N LEU A 449 -9.08 24.69 -13.76
CA LEU A 449 -8.85 24.31 -15.14
C LEU A 449 -9.42 25.33 -16.13
N VAL A 450 -10.42 26.11 -15.72
CA VAL A 450 -10.95 27.15 -16.59
C VAL A 450 -9.89 28.22 -16.84
N ALA A 451 -9.10 28.53 -15.81
CA ALA A 451 -8.03 29.51 -15.98
C ALA A 451 -7.01 29.03 -17.00
N LEU A 452 -6.60 27.76 -16.90
CA LEU A 452 -5.59 27.23 -17.82
C LEU A 452 -6.09 27.23 -19.25
N GLU A 453 -7.39 26.97 -19.45
CA GLU A 453 -7.93 26.97 -20.81
C GLU A 453 -7.94 28.38 -21.40
N ALA A 454 -8.35 29.37 -20.62
CA ALA A 454 -8.38 30.74 -21.12
C ALA A 454 -6.98 31.29 -21.31
N MET A 455 -6.05 30.95 -20.41
CA MET A 455 -4.69 31.46 -20.53
C MET A 455 -3.97 30.88 -21.73
N CYS A 456 -4.25 29.60 -22.06
CA CYS A 456 -3.65 29.00 -23.24
C CYS A 456 -4.12 29.68 -24.52
N LEU A 457 -5.25 30.37 -24.49
CA LEU A 457 -5.79 31.04 -25.66
C LEU A 457 -5.58 32.55 -25.63
N GLY A 458 -4.70 33.04 -24.76
CA GLY A 458 -4.32 34.44 -24.74
C GLY A 458 -5.17 35.34 -23.88
N ALA A 459 -6.26 34.84 -23.30
CA ALA A 459 -7.12 35.65 -22.45
C ALA A 459 -6.47 35.85 -21.08
N ILE A 460 -6.39 37.10 -20.64
CA ILE A 460 -5.76 37.43 -19.37
C ILE A 460 -6.78 37.19 -18.25
N PRO A 461 -6.46 36.39 -17.25
CA PRO A 461 -7.46 36.07 -16.22
C PRO A 461 -7.50 37.09 -15.09
N ILE A 462 -8.71 37.36 -14.62
CA ILE A 462 -8.97 38.13 -13.40
C ILE A 462 -9.71 37.18 -12.47
N ALA A 463 -9.03 36.66 -11.46
CA ALA A 463 -9.57 35.56 -10.67
C ALA A 463 -9.39 35.80 -9.18
N SER A 464 -10.19 35.09 -8.39
CA SER A 464 -10.06 35.13 -6.94
C SER A 464 -8.80 34.42 -6.50
N ALA A 465 -8.17 34.93 -5.44
CA ALA A 465 -6.94 34.34 -4.91
C ALA A 465 -7.30 33.17 -3.99
N VAL A 466 -7.81 32.11 -4.60
CA VAL A 466 -8.21 30.91 -3.87
C VAL A 466 -7.72 29.69 -4.63
N GLY A 467 -7.31 28.67 -3.87
CA GLY A 467 -7.11 27.34 -4.42
C GLY A 467 -6.10 27.31 -5.54
N GLY A 468 -6.50 26.71 -6.67
CA GLY A 468 -5.58 26.54 -7.78
C GLY A 468 -5.30 27.81 -8.54
N LEU A 469 -6.30 28.71 -8.63
CA LEU A 469 -6.07 30.00 -9.29
C LEU A 469 -4.95 30.76 -8.62
N ARG A 470 -4.79 30.61 -7.30
CA ARG A 470 -3.73 31.30 -6.57
C ARG A 470 -2.36 30.77 -6.97
N ASP A 471 -2.24 29.45 -7.21
CA ASP A 471 -0.97 28.87 -7.58
C ASP A 471 -0.67 29.04 -9.05
N ILE A 472 -1.69 29.09 -9.91
CA ILE A 472 -1.46 29.25 -11.33
C ILE A 472 -1.09 30.69 -11.65
N ILE A 473 -1.85 31.65 -11.14
CA ILE A 473 -1.77 33.04 -11.57
C ILE A 473 -0.78 33.79 -10.72
N THR A 474 0.10 34.56 -11.37
CA THR A 474 0.98 35.51 -10.72
C THR A 474 0.72 36.89 -11.27
N ASN A 475 1.46 37.89 -10.76
CA ASN A 475 1.24 39.27 -11.18
C ASN A 475 1.55 39.45 -12.66
N GLU A 476 2.48 38.66 -13.20
CA GLU A 476 2.85 38.77 -14.60
C GLU A 476 1.96 37.96 -15.53
N THR A 477 1.02 37.17 -14.99
CA THR A 477 0.16 36.33 -15.81
C THR A 477 -1.32 36.49 -15.47
N GLY A 478 -1.68 37.56 -14.77
CA GLY A 478 -3.08 37.80 -14.46
C GLY A 478 -3.23 38.76 -13.30
N ILE A 479 -4.48 38.90 -12.86
CA ILE A 479 -4.85 39.74 -11.73
C ILE A 479 -5.60 38.90 -10.72
N LEU A 480 -5.20 38.99 -9.45
CA LEU A 480 -5.86 38.28 -8.37
C LEU A 480 -6.59 39.26 -7.46
N VAL A 481 -7.75 38.85 -6.96
CA VAL A 481 -8.57 39.68 -6.11
C VAL A 481 -9.09 38.84 -4.94
N LYS A 482 -9.40 39.52 -3.84
CA LYS A 482 -10.01 38.85 -2.70
C LYS A 482 -11.37 38.28 -3.09
N ALA A 483 -11.65 37.07 -2.63
CA ALA A 483 -12.90 36.41 -2.98
C ALA A 483 -14.07 37.05 -2.24
N GLY A 484 -15.22 37.11 -2.92
CA GLY A 484 -16.44 37.62 -2.33
C GLY A 484 -16.51 39.13 -2.15
N ASP A 485 -15.62 39.88 -2.79
CA ASP A 485 -15.59 41.34 -2.64
C ASP A 485 -15.93 41.99 -3.97
N PRO A 486 -17.16 42.50 -4.14
CA PRO A 486 -17.50 43.14 -5.42
C PRO A 486 -16.69 44.40 -5.70
N GLY A 487 -16.27 45.12 -4.66
CA GLY A 487 -15.50 46.33 -4.87
C GLY A 487 -14.11 46.05 -5.40
N GLU A 488 -13.44 45.04 -4.86
CA GLU A 488 -12.10 44.70 -5.35
C GLU A 488 -12.16 44.21 -6.79
N LEU A 489 -13.22 43.50 -7.16
CA LEU A 489 -13.36 43.07 -8.55
C LEU A 489 -13.64 44.25 -9.46
N ALA A 490 -14.46 45.21 -8.99
CA ALA A 490 -14.74 46.39 -9.79
C ALA A 490 -13.48 47.21 -10.03
N ASN A 491 -12.63 47.34 -9.01
CA ASN A 491 -11.39 48.09 -9.19
C ASN A 491 -10.42 47.35 -10.10
N ALA A 492 -10.38 46.02 -10.02
CA ALA A 492 -9.52 45.26 -10.92
C ALA A 492 -9.96 45.42 -12.37
N ILE A 493 -11.27 45.49 -12.60
CA ILE A 493 -11.77 45.72 -13.96
C ILE A 493 -11.39 47.11 -14.45
N LEU A 494 -11.40 48.10 -13.55
CA LEU A 494 -10.95 49.45 -13.92
C LEU A 494 -9.47 49.46 -14.26
N LYS A 495 -8.66 48.73 -13.49
CA LYS A 495 -7.23 48.65 -13.80
C LYS A 495 -6.99 47.88 -15.09
N ALA A 496 -7.86 46.93 -15.43
CA ALA A 496 -7.72 46.21 -16.69
C ALA A 496 -8.05 47.11 -17.88
N LEU A 497 -8.98 48.04 -17.70
CA LEU A 497 -9.30 48.98 -18.79
C LEU A 497 -8.14 49.92 -19.07
N GLU A 498 -7.54 50.48 -18.01
CA GLU A 498 -6.38 51.35 -18.20
C GLU A 498 -5.20 50.58 -18.78
N LEU A 499 -5.09 49.29 -18.46
CA LEU A 499 -4.03 48.48 -19.04
C LEU A 499 -4.25 48.27 -20.54
N SER A 500 -5.52 48.14 -20.95
CA SER A 500 -5.83 47.85 -22.35
C SER A 500 -5.46 49.00 -23.27
N ARG A 501 -5.27 50.21 -22.75
CA ARG A 501 -4.88 51.34 -23.58
C ARG A 501 -3.49 51.16 -24.17
N SER A 502 -2.68 50.30 -23.59
CA SER A 502 -1.39 49.93 -24.14
C SER A 502 -1.47 48.54 -24.77
N ASP A 503 -0.42 48.16 -25.48
CA ASP A 503 -0.37 46.85 -26.10
C ASP A 503 -0.31 45.75 -25.04
N LEU A 504 -1.15 44.73 -25.19
CA LEU A 504 -1.23 43.63 -24.24
C LEU A 504 -0.66 42.33 -24.81
N SER A 505 -0.04 42.37 -25.98
CA SER A 505 0.45 41.14 -26.61
C SER A 505 1.48 40.44 -25.73
N LYS A 506 2.39 41.21 -25.12
CA LYS A 506 3.40 40.61 -24.26
C LYS A 506 2.77 40.00 -23.01
N PHE A 507 1.72 40.64 -22.49
CA PHE A 507 0.98 40.08 -21.36
C PHE A 507 0.34 38.75 -21.74
N ARG A 508 -0.24 38.67 -22.95
CA ARG A 508 -0.89 37.44 -23.36
C ARG A 508 0.11 36.31 -23.54
N GLU A 509 1.31 36.62 -24.02
CA GLU A 509 2.32 35.58 -24.21
C GLU A 509 2.76 34.98 -22.88
N ASN A 510 2.94 35.82 -21.85
CA ASN A 510 3.29 35.31 -20.53
C ASN A 510 2.20 34.41 -19.97
N CYS A 511 0.94 34.73 -20.25
CA CYS A 511 -0.15 33.88 -19.78
C CYS A 511 -0.15 32.53 -20.48
N LYS A 512 0.21 32.51 -21.77
CA LYS A 512 0.29 31.24 -22.48
C LYS A 512 1.40 30.36 -21.91
N LYS A 513 2.61 30.92 -21.77
CA LYS A 513 3.73 30.14 -21.25
C LYS A 513 3.44 29.61 -19.85
N ARG A 514 2.77 30.41 -19.03
CA ARG A 514 2.46 29.98 -17.67
C ARG A 514 1.50 28.79 -17.67
N ALA A 515 0.41 28.89 -18.43
CA ALA A 515 -0.55 27.79 -18.48
C ALA A 515 0.06 26.55 -19.13
N MET A 516 0.90 26.75 -20.15
CA MET A 516 1.49 25.61 -20.84
C MET A 516 2.52 24.90 -19.95
N SER A 517 3.38 25.66 -19.26
CA SER A 517 4.36 25.04 -18.39
C SER A 517 3.73 24.45 -17.14
N PHE A 518 2.61 25.03 -16.69
CA PHE A 518 1.93 24.50 -15.51
C PHE A 518 1.24 23.18 -15.84
N SER A 519 0.59 23.09 -17.00
CA SER A 519 -0.09 21.86 -17.37
C SER A 519 0.89 20.77 -17.79
N ASP A 520 2.01 21.16 -18.41
CA ASP A 520 3.05 20.19 -18.73
C ASP A 520 3.60 19.55 -17.46
N THR A 521 3.91 20.38 -16.45
CA THR A 521 4.40 19.87 -15.19
C THR A 521 3.36 19.02 -14.49
N ARG A 522 2.09 19.43 -14.54
CA ARG A 522 1.02 18.69 -13.88
C ARG A 522 0.78 17.34 -14.56
N GLN A 523 0.85 17.30 -15.89
CA GLN A 523 0.63 16.04 -16.59
C GLN A 523 1.74 15.04 -16.30
N GLN A 524 2.98 15.53 -16.12
CA GLN A 524 4.08 14.65 -15.77
C GLN A 524 3.89 14.07 -14.37
N TYR A 525 3.44 14.88 -13.42
CA TYR A 525 3.21 14.38 -12.07
C TYR A 525 2.03 13.41 -12.02
N ARG A 526 1.03 13.62 -12.88
CA ARG A 526 -0.14 12.75 -12.87
C ARG A 526 0.20 11.33 -13.29
N LYS A 527 1.17 11.17 -14.19
CA LYS A 527 1.58 9.84 -14.60
C LYS A 527 2.24 9.08 -13.46
N LEU A 528 3.07 9.76 -12.66
CA LEU A 528 3.68 9.12 -11.50
C LEU A 528 2.64 8.85 -10.42
N ALA A 529 1.69 9.78 -10.23
CA ALA A 529 0.66 9.58 -9.22
C ALA A 529 -0.35 8.52 -9.61
N LYS A 530 -0.44 8.18 -10.90
CA LYS A 530 -1.38 7.14 -11.34
C LYS A 530 -1.08 5.80 -10.68
N SER A 531 0.19 5.56 -10.31
CA SER A 531 0.57 4.34 -9.62
C SER A 531 1.00 4.55 -8.18
N THR A 532 1.61 5.70 -7.87
CA THR A 532 2.03 5.96 -6.49
C THR A 532 0.82 6.12 -5.57
N LEU A 533 -0.20 6.84 -6.01
CA LEU A 533 -1.40 7.02 -5.20
C LEU A 533 -2.22 5.75 -5.07
N VAL A 534 -1.85 4.68 -5.77
CA VAL A 534 -2.50 3.38 -5.62
C VAL A 534 -1.72 2.48 -4.67
N LEU A 535 -0.39 2.48 -4.77
CA LEU A 535 0.41 1.58 -3.94
C LEU A 535 0.46 2.03 -2.50
N MET A 536 0.40 3.33 -2.24
CA MET A 536 0.45 3.83 -0.86
C MET A 536 -0.72 3.33 -0.02
N PRO A 537 -1.99 3.51 -0.43
CA PRO A 537 -3.10 3.02 0.41
C PRO A 537 -3.26 1.52 0.34
N LEU A 538 -2.90 0.91 -0.80
CA LEU A 538 -3.06 -0.54 -0.95
C LEU A 538 -2.18 -1.28 0.05
N PHE A 539 -0.90 -0.91 0.14
CA PHE A 539 -0.01 -1.54 1.09
C PHE A 539 -0.37 -1.15 2.52
N GLY A 540 -0.81 0.08 2.72
CA GLY A 540 -1.11 0.54 4.07
C GLY A 540 -2.38 -0.08 4.63
N VAL A 541 -3.45 -0.11 3.84
CA VAL A 541 -4.70 -0.66 4.32
C VAL A 541 -4.58 -2.15 4.56
N HIS A 542 -3.92 -2.87 3.64
CA HIS A 542 -3.73 -4.31 3.82
C HIS A 542 -2.93 -4.61 5.08
N TYR A 543 -1.84 -3.87 5.28
CA TYR A 543 -1.00 -4.11 6.46
C TYR A 543 -1.78 -3.87 7.75
N ILE A 544 -2.58 -2.81 7.79
CA ILE A 544 -3.34 -2.50 8.99
C ILE A 544 -4.42 -3.55 9.22
N VAL A 545 -5.14 -3.94 8.17
CA VAL A 545 -6.20 -4.94 8.31
C VAL A 545 -5.62 -6.28 8.73
N PHE A 546 -4.51 -6.70 8.11
CA PHE A 546 -3.89 -7.97 8.47
C PHE A 546 -3.33 -7.93 9.89
N MET A 547 -2.84 -6.78 10.35
CA MET A 547 -2.33 -6.67 11.71
C MET A 547 -3.46 -6.69 12.73
N LEU A 548 -4.61 -6.11 12.40
CA LEU A 548 -5.74 -6.08 13.32
C LEU A 548 -6.51 -7.39 13.33
N THR A 549 -6.18 -8.34 12.45
CA THR A 549 -6.83 -9.65 12.45
C THR A 549 -5.95 -10.64 13.17
N PRO A 550 -6.38 -11.18 14.30
CA PRO A 550 -5.51 -12.06 15.09
C PRO A 550 -5.44 -13.47 14.53
N TYR A 551 -4.59 -14.29 15.16
CA TYR A 551 -4.41 -15.68 14.81
C TYR A 551 -5.31 -16.60 15.66
N THR A 552 -6.43 -16.07 16.15
CA THR A 552 -7.26 -16.78 17.10
C THR A 552 -7.98 -17.97 16.47
N GLU A 553 -8.18 -17.96 15.15
CA GLU A 553 -9.07 -18.95 14.55
C GLU A 553 -8.47 -20.35 14.53
N VAL A 554 -7.14 -20.47 14.51
CA VAL A 554 -6.44 -21.75 14.59
C VAL A 554 -6.94 -22.70 13.51
N SER A 555 -6.68 -22.35 12.26
CA SER A 555 -6.96 -23.22 11.10
C SER A 555 -8.45 -23.49 10.93
N GLY A 556 -9.29 -22.47 11.15
CA GLY A 556 -10.70 -22.56 10.86
C GLY A 556 -11.00 -22.00 9.48
N THR A 557 -12.29 -21.85 9.19
CA THR A 557 -12.71 -21.27 7.91
C THR A 557 -12.24 -19.82 7.80
N LEU A 558 -12.32 -19.06 8.90
CA LEU A 558 -11.80 -17.71 8.90
C LEU A 558 -10.28 -17.70 8.74
N TRP A 559 -9.60 -18.65 9.38
CA TRP A 559 -8.15 -18.68 9.36
C TRP A 559 -7.62 -19.00 7.96
N GLN A 560 -8.22 -20.01 7.31
CA GLN A 560 -7.72 -20.44 6.02
C GLN A 560 -7.98 -19.40 4.93
N VAL A 561 -9.05 -18.62 5.05
CA VAL A 561 -9.31 -17.59 4.04
C VAL A 561 -8.43 -16.36 4.28
N ARG A 562 -8.11 -16.04 5.54
CA ARG A 562 -7.19 -14.95 5.80
C ARG A 562 -5.77 -15.34 5.42
N MET A 563 -5.36 -16.57 5.73
CA MET A 563 -4.01 -17.01 5.42
C MET A 563 -3.80 -17.15 3.92
N HIS A 564 -4.84 -17.58 3.19
CA HIS A 564 -4.71 -17.70 1.73
C HIS A 564 -4.59 -16.34 1.06
N TYR A 565 -5.39 -15.36 1.50
CA TYR A 565 -5.39 -14.06 0.83
C TYR A 565 -4.14 -13.27 1.19
N GLU A 566 -3.71 -13.30 2.45
CA GLU A 566 -2.53 -12.55 2.84
C GLU A 566 -1.27 -13.13 2.22
N MET A 567 -1.21 -14.45 2.03
CA MET A 567 -0.07 -15.04 1.33
C MET A 567 -0.06 -14.66 -0.14
N LEU A 568 -1.24 -14.61 -0.76
CA LEU A 568 -1.32 -14.17 -2.16
C LEU A 568 -0.91 -12.71 -2.31
N PHE A 569 -1.34 -11.85 -1.39
CA PHE A 569 -1.05 -10.44 -1.50
C PHE A 569 0.43 -10.15 -1.24
N ASN A 570 0.96 -10.69 -0.15
CA ASN A 570 2.35 -10.38 0.23
C ASN A 570 3.35 -10.97 -0.75
N SER A 571 3.05 -12.11 -1.35
CA SER A 571 4.01 -12.74 -2.25
C SER A 571 4.10 -12.00 -3.58
N PHE A 572 2.97 -11.48 -4.07
CA PHE A 572 2.92 -10.76 -5.33
C PHE A 572 3.13 -9.26 -5.18
N GLN A 573 3.64 -8.81 -4.03
CA GLN A 573 3.87 -7.39 -3.83
C GLN A 573 4.94 -6.86 -4.78
N GLY A 574 6.03 -7.60 -4.95
CA GLY A 574 7.04 -7.20 -5.91
C GLY A 574 6.52 -7.19 -7.33
N PHE A 575 5.63 -8.13 -7.66
CA PHE A 575 5.01 -8.16 -8.97
C PHE A 575 4.05 -6.98 -9.15
N PHE A 576 3.40 -6.54 -8.08
CA PHE A 576 2.55 -5.36 -8.15
C PHE A 576 3.37 -4.11 -8.41
N VAL A 577 4.51 -3.97 -7.72
CA VAL A 577 5.35 -2.79 -7.88
C VAL A 577 6.00 -2.78 -9.26
N ALA A 578 6.39 -3.96 -9.76
CA ALA A 578 7.01 -4.04 -11.07
C ALA A 578 6.05 -3.60 -12.17
N ILE A 579 4.77 -3.97 -12.04
CA ILE A 579 3.78 -3.57 -13.03
C ILE A 579 3.49 -2.07 -12.93
N ALA A 580 3.40 -1.55 -11.71
CA ALA A 580 2.98 -0.17 -11.52
C ALA A 580 4.03 0.83 -11.97
N TYR A 581 5.32 0.47 -11.90
CA TYR A 581 6.39 1.42 -12.16
C TYR A 581 7.20 1.10 -13.42
N CYS A 582 6.89 0.02 -14.13
CA CYS A 582 7.67 -0.31 -15.32
C CYS A 582 6.79 -0.84 -16.46
N PHE A 583 6.09 -1.94 -16.22
CA PHE A 583 5.33 -2.57 -17.30
C PHE A 583 4.17 -1.70 -17.77
N CYS A 584 3.62 -0.86 -16.89
CA CYS A 584 2.55 0.05 -17.25
C CYS A 584 3.03 1.46 -17.49
N ASN A 585 4.33 1.72 -17.38
CA ASN A 585 4.85 3.05 -17.62
C ASN A 585 4.85 3.37 -19.11
N GLY A 586 4.39 4.58 -19.45
CA GLY A 586 4.30 4.96 -20.85
C GLY A 586 5.65 5.06 -21.53
N GLU A 587 6.68 5.50 -20.82
CA GLU A 587 8.01 5.60 -21.42
C GLU A 587 8.61 4.23 -21.68
N VAL A 588 8.42 3.30 -20.74
CA VAL A 588 8.98 1.96 -20.90
C VAL A 588 8.32 1.24 -22.07
N GLN A 589 7.00 1.34 -22.18
CA GLN A 589 6.29 0.68 -23.28
C GLN A 589 6.74 1.24 -24.64
N ALA A 590 6.94 2.56 -24.72
CA ALA A 590 7.36 3.16 -25.98
C ALA A 590 8.76 2.71 -26.37
N GLU A 591 9.60 2.34 -25.39
CA GLU A 591 10.94 1.90 -25.71
C GLU A 591 10.97 0.47 -26.22
N ILE A 592 10.10 -0.40 -25.68
CA ILE A 592 10.09 -1.79 -26.14
C ILE A 592 9.36 -1.91 -27.48
N LYS A 593 8.41 -1.01 -27.75
CA LYS A 593 7.79 -0.98 -29.08
C LYS A 593 8.75 -0.46 -30.13
N LYS A 594 9.63 0.46 -29.75
CA LYS A 594 10.67 0.94 -30.67
C LYS A 594 11.65 -0.18 -31.01
N SER A 595 12.03 -0.99 -30.01
CA SER A 595 12.96 -2.08 -30.25
C SER A 595 12.32 -3.19 -31.06
N TRP A 596 11.03 -3.46 -30.82
CA TRP A 596 10.35 -4.51 -31.55
C TRP A 596 10.07 -4.10 -32.99
N SER A 597 9.88 -2.81 -33.25
CA SER A 597 9.67 -2.35 -34.61
C SER A 597 10.96 -2.40 -35.43
N ARG A 598 12.11 -2.17 -34.78
CA ARG A 598 13.38 -2.27 -35.49
C ARG A 598 13.74 -3.72 -35.80
N TRP A 599 13.30 -4.65 -34.95
CA TRP A 599 13.53 -6.06 -35.18
C TRP A 599 12.49 -6.70 -36.10
N THR A 600 11.41 -5.99 -36.44
CA THR A 600 10.35 -6.51 -37.29
C THR A 600 10.12 -5.52 -38.45
N LEU A 601 11.06 -5.49 -39.38
CA LEU A 601 11.00 -4.61 -40.55
C LEU A 601 10.87 -5.45 -41.80
N ALA A 602 9.72 -5.35 -42.46
CA ALA A 602 9.45 -6.10 -43.68
C ALA A 602 10.40 -5.70 -44.81
N VAL B 2 3.94 -10.65 9.25
CA VAL B 2 3.27 -10.93 7.99
C VAL B 2 3.03 -12.43 7.87
N GLU B 4 3.78 -14.78 5.96
CA GLU B 4 4.87 -15.71 5.66
C GLU B 4 5.66 -16.07 6.91
N ILE B 5 5.61 -15.19 7.91
CA ILE B 5 6.31 -15.48 9.17
C ILE B 5 5.56 -16.55 9.96
N GLN B 6 4.24 -16.40 10.08
CA GLN B 6 3.45 -17.39 10.82
C GLN B 6 3.49 -18.75 10.14
N LEU B 7 3.59 -18.77 8.81
CA LEU B 7 3.70 -20.05 8.11
C LEU B 7 4.98 -20.78 8.52
N MET B 8 6.10 -20.07 8.61
CA MET B 8 7.34 -20.69 9.04
C MET B 8 7.26 -21.17 10.48
N HIS B 9 6.49 -20.46 11.33
CA HIS B 9 6.38 -20.86 12.73
C HIS B 9 5.51 -22.10 12.88
N GLN B 10 4.42 -22.19 12.13
CA GLN B 10 3.55 -23.35 12.19
C GLN B 10 4.22 -24.57 11.56
N ALA B 12 7.46 -25.05 11.60
CA ALA B 12 8.48 -25.46 12.57
C ALA B 12 7.89 -26.35 13.65
N LYS B 13 6.75 -25.91 14.21
CA LYS B 13 6.08 -26.72 15.22
C LYS B 13 5.53 -28.02 14.63
N TRP B 14 5.14 -28.01 13.36
CA TRP B 14 4.57 -29.21 12.75
C TRP B 14 5.64 -30.24 12.48
N LEU B 15 6.82 -29.82 12.01
CA LEU B 15 7.90 -30.75 11.77
C LEU B 15 8.44 -31.34 13.06
N ASN B 16 8.49 -30.54 14.13
CA ASN B 16 8.94 -31.06 15.41
C ASN B 16 7.94 -32.05 15.99
N SER B 17 6.66 -31.80 15.80
CA SER B 17 5.60 -32.70 16.25
C SER B 17 5.66 -34.01 15.51
N GLU B 19 8.33 -35.32 14.10
CA GLU B 19 9.54 -36.02 14.52
C GLU B 19 9.32 -36.71 15.86
N ARG B 20 8.58 -36.05 16.74
CA ARG B 20 8.34 -36.61 18.07
C ARG B 20 7.40 -37.81 18.01
N VAL B 21 6.36 -37.74 17.16
CA VAL B 21 5.42 -38.85 17.05
C VAL B 21 6.08 -40.06 16.42
N GLU B 22 6.95 -39.85 15.43
CA GLU B 22 7.67 -40.95 14.82
C GLU B 22 8.56 -41.66 15.84
N TRP B 23 9.17 -40.91 16.73
CA TRP B 23 9.96 -41.51 17.80
C TRP B 23 9.08 -42.30 18.75
N LEU B 24 7.86 -41.82 19.00
CA LEU B 24 6.96 -42.53 19.91
C LEU B 24 6.42 -43.80 19.29
N ARG B 25 6.12 -43.79 17.98
CA ARG B 25 5.67 -45.00 17.32
C ARG B 25 6.78 -46.04 17.25
N LYS B 26 8.04 -45.60 17.24
CA LYS B 26 9.15 -46.55 17.27
C LYS B 26 9.26 -47.21 18.64
N LYS B 27 9.05 -46.45 19.71
CA LYS B 27 9.03 -47.04 21.05
C LYS B 27 7.84 -47.97 21.21
N LEU B 28 6.69 -47.60 20.65
CA LEU B 28 5.51 -48.46 20.72
C LEU B 28 5.77 -49.81 20.05
N GLN B 29 6.57 -49.82 18.99
CA GLN B 29 6.95 -51.07 18.37
C GLN B 29 7.88 -51.89 19.27
N ASP B 30 8.75 -51.21 20.04
CA ASP B 30 9.58 -51.90 21.00
C ASP B 30 8.74 -52.53 22.10
N VAL B 31 7.70 -51.82 22.57
CA VAL B 31 6.80 -52.39 23.56
C VAL B 31 6.07 -53.58 22.98
N HIS B 32 5.66 -53.50 21.72
CA HIS B 32 5.01 -54.62 21.07
C HIS B 32 5.94 -55.83 21.01
N ASN B 33 7.21 -55.61 20.67
CA ASN B 33 8.15 -56.71 20.59
C ASN B 33 8.47 -57.29 21.97
N TYR B 34 8.40 -56.47 23.02
CA TYR B 34 8.68 -56.93 24.36
C TYR B 34 7.56 -57.84 24.87
#